data_6WLY
#
_entry.id   6WLY
#
_cell.length_a   61.626
_cell.length_b   61.626
_cell.length_c   179.596
_cell.angle_alpha   90.000
_cell.angle_beta   90.000
_cell.angle_gamma   90.000
#
_symmetry.space_group_name_H-M   'P 41 21 2'
#
loop_
_entity.id
_entity.type
_entity.pdbx_description
1 polymer 'Serine/threonine-protein kinase PAK 4'
2 polymer 'LIM Kinase 1 peptide'
3 water water
#
loop_
_entity_poly.entity_id
_entity_poly.type
_entity_poly.pdbx_seq_one_letter_code
_entity_poly.pdbx_strand_id
1 'polypeptide(L)'
;MGSSHHHHHHSSGLVPRGSHMENLYFQGARARQENGMPEKPPGPRSPQREPQRVSHEQFRAALQLVVDPGDPRSYLDNFI
KIGEGSTGIVCIATVRSSGKLVAVKKMDLRKQQRRELLFNEVVIMRDYQHENVVEMYNSYLVGDELWVVMEFLEGGALTD
IVTHTRMNEEQIAAVCLAVLQALSVLHAQGVIHRDIKSDSILLTHDGRVKLSDFGFCAQVSKEVPRRK(SEP)LVGTPYW
MAPELISRLPYGPEVDIWSLGIMVIEMVDGEPPYFNEPPLKAMKMIRDNLPPRLKNLHKVSPSLKGFLDRLLVRDPAQRA
TAAELLKHPFLAKAGPPASIVPLMRQNRTR
;
A
2 'polypeptide(L)' RKKRYTVVGN B
#
# COMPACT_ATOMS: atom_id res chain seq x y z
N VAL A 54 20.37 -20.55 1.42
CA VAL A 54 18.94 -20.78 1.59
C VAL A 54 18.68 -21.11 3.06
N SER A 55 19.75 -21.34 3.80
CA SER A 55 19.60 -21.74 5.20
C SER A 55 18.89 -20.67 5.99
N HIS A 56 17.96 -21.11 6.85
CA HIS A 56 17.27 -20.18 7.73
C HIS A 56 18.25 -19.46 8.65
N GLU A 57 19.16 -20.22 9.27
CA GLU A 57 20.11 -19.60 10.18
C GLU A 57 21.06 -18.66 9.43
N GLN A 58 21.35 -18.96 8.17
CA GLN A 58 22.16 -18.04 7.38
C GLN A 58 21.45 -16.73 7.16
N PHE A 59 20.15 -16.78 6.85
CA PHE A 59 19.43 -15.53 6.66
C PHE A 59 19.20 -14.78 7.96
N ARG A 60 18.99 -15.49 9.07
CA ARG A 60 18.90 -14.82 10.37
C ARG A 60 20.15 -13.99 10.65
N ALA A 61 21.32 -14.57 10.40
CA ALA A 61 22.57 -13.87 10.67
C ALA A 61 22.69 -12.62 9.80
N ALA A 62 22.37 -12.74 8.51
CA ALA A 62 22.41 -11.58 7.62
C ALA A 62 21.51 -10.46 8.12
N LEU A 63 20.27 -10.80 8.47
CA LEU A 63 19.33 -9.79 9.00
C LEU A 63 19.86 -9.14 10.26
N GLN A 64 20.49 -9.92 11.14
CA GLN A 64 21.03 -9.34 12.38
C GLN A 64 22.03 -8.24 12.10
N LEU A 65 22.77 -8.32 10.99
CA LEU A 65 23.77 -7.30 10.69
C LEU A 65 23.15 -5.97 10.28
N VAL A 66 21.89 -5.94 9.86
CA VAL A 66 21.28 -4.71 9.38
C VAL A 66 20.22 -4.15 10.31
N VAL A 67 19.66 -4.93 11.23
CA VAL A 67 18.61 -4.42 12.11
C VAL A 67 19.24 -3.78 13.33
N ASP A 68 18.43 -3.11 14.15
CA ASP A 68 18.96 -2.58 15.40
C ASP A 68 19.17 -3.72 16.40
N PRO A 69 20.12 -3.56 17.31
CA PRO A 69 20.33 -4.61 18.32
C PRO A 69 19.25 -4.57 19.39
N GLY A 70 19.09 -5.71 20.06
CA GLY A 70 18.17 -5.81 21.18
C GLY A 70 16.82 -6.37 20.79
N ASP A 71 15.90 -6.24 21.75
CA ASP A 71 14.56 -6.82 21.72
C ASP A 71 13.59 -5.75 22.22
N PRO A 72 12.64 -5.31 21.40
CA PRO A 72 11.74 -4.23 21.83
C PRO A 72 10.78 -4.64 22.94
N ARG A 73 10.71 -5.93 23.28
CA ARG A 73 9.88 -6.30 24.41
C ARG A 73 10.41 -5.72 25.70
N SER A 74 11.68 -5.29 25.71
CA SER A 74 12.22 -4.63 26.89
C SER A 74 11.61 -3.24 27.11
N TYR A 75 10.92 -2.67 26.12
CA TYR A 75 10.26 -1.39 26.37
C TYR A 75 8.81 -1.33 25.90
N LEU A 76 8.25 -2.42 25.39
CA LEU A 76 6.87 -2.47 24.94
C LEU A 76 6.04 -3.43 25.79
N ASP A 77 4.77 -3.07 26.05
CA ASP A 77 3.82 -3.90 26.77
C ASP A 77 2.57 -4.15 25.95
N ASN A 78 1.85 -5.22 26.29
CA ASN A 78 0.45 -5.44 25.89
C ASN A 78 0.29 -5.53 24.37
N PHE A 79 1.01 -6.46 23.78
CA PHE A 79 0.87 -6.69 22.34
C PHE A 79 -0.53 -7.20 22.03
N ILE A 80 -1.20 -6.58 21.08
CA ILE A 80 -2.53 -7.01 20.65
C ILE A 80 -2.54 -7.06 19.12
N LYS A 81 -2.87 -8.22 18.57
CA LYS A 81 -2.87 -8.36 17.11
C LYS A 81 -4.04 -7.59 16.52
N ILE A 82 -3.76 -6.74 15.53
CA ILE A 82 -4.83 -6.00 14.86
C ILE A 82 -5.00 -6.38 13.39
N GLY A 83 -3.98 -6.92 12.73
CA GLY A 83 -4.14 -7.24 11.33
C GLY A 83 -3.22 -8.35 10.91
N GLU A 84 -3.54 -8.95 9.77
CA GLU A 84 -2.68 -9.94 9.14
C GLU A 84 -2.47 -9.50 7.70
N GLY A 85 -1.23 -9.59 7.24
CA GLY A 85 -0.91 -9.19 5.89
C GLY A 85 -0.29 -10.33 5.13
N SER A 86 0.33 -10.02 3.98
CA SER A 86 0.88 -11.06 3.13
C SER A 86 2.17 -11.63 3.71
N THR A 87 2.92 -10.84 4.48
CA THR A 87 4.21 -11.26 5.00
C THR A 87 4.23 -11.47 6.50
N GLY A 88 3.16 -11.15 7.20
CA GLY A 88 3.16 -11.35 8.65
C GLY A 88 1.93 -10.75 9.29
N ILE A 89 2.09 -10.36 10.55
CA ILE A 89 0.99 -9.81 11.32
C ILE A 89 1.39 -8.43 11.83
N VAL A 90 0.39 -7.64 12.23
CA VAL A 90 0.60 -6.32 12.78
C VAL A 90 -0.06 -6.26 14.15
N CYS A 91 0.69 -5.80 15.14
CA CYS A 91 0.21 -5.64 16.50
C CYS A 91 0.29 -4.19 16.95
N ILE A 92 -0.61 -3.81 17.85
CA ILE A 92 -0.47 -2.62 18.67
CA ILE A 92 -0.43 -2.61 18.64
C ILE A 92 0.34 -2.99 19.89
N ALA A 93 1.16 -2.07 20.38
CA ALA A 93 1.87 -2.24 21.64
C ALA A 93 1.92 -0.90 22.34
N THR A 94 2.06 -0.95 23.67
CA THR A 94 2.12 0.25 24.50
C THR A 94 3.57 0.49 24.90
N VAL A 95 4.05 1.72 24.68
CA VAL A 95 5.38 2.09 25.17
C VAL A 95 5.30 2.24 26.67
N ARG A 96 6.08 1.42 27.40
CA ARG A 96 5.93 1.37 28.85
C ARG A 96 6.25 2.70 29.51
N SER A 97 7.21 3.43 28.95
CA SER A 97 7.66 4.66 29.61
CA SER A 97 7.66 4.66 29.61
C SER A 97 6.66 5.79 29.43
N SER A 98 5.96 5.82 28.30
CA SER A 98 5.11 6.94 27.94
C SER A 98 3.62 6.63 27.92
N GLY A 99 3.24 5.35 27.80
CA GLY A 99 1.86 5.02 27.51
C GLY A 99 1.45 5.25 26.07
N LYS A 100 2.35 5.71 25.21
CA LYS A 100 2.04 5.88 23.81
C LYS A 100 1.89 4.53 23.13
N LEU A 101 1.12 4.51 22.05
CA LEU A 101 0.92 3.30 21.25
C LEU A 101 1.78 3.34 20.00
N VAL A 102 2.41 2.21 19.69
CA VAL A 102 3.13 2.01 18.43
C VAL A 102 2.57 0.75 17.78
N ALA A 103 2.90 0.59 16.50
CA ALA A 103 2.57 -0.63 15.77
C ALA A 103 3.84 -1.45 15.62
N VAL A 104 3.68 -2.77 15.60
CA VAL A 104 4.81 -3.70 15.46
C VAL A 104 4.43 -4.70 14.39
N LYS A 105 5.17 -4.69 13.28
CA LYS A 105 4.99 -5.65 12.22
C LYS A 105 5.92 -6.83 12.47
N LYS A 106 5.36 -8.03 12.52
CA LYS A 106 6.12 -9.25 12.79
C LYS A 106 6.06 -10.15 11.57
N MET A 107 7.24 -10.55 11.06
CA MET A 107 7.33 -11.33 9.84
C MET A 107 8.22 -12.53 10.11
N ASP A 108 7.65 -13.73 10.02
CA ASP A 108 8.43 -14.95 10.23
C ASP A 108 9.32 -15.19 9.02
N LEU A 109 10.63 -15.29 9.24
CA LEU A 109 11.54 -15.51 8.13
C LEU A 109 11.23 -16.80 7.38
N ARG A 110 10.71 -17.80 8.09
CA ARG A 110 10.47 -19.12 7.51
C ARG A 110 9.22 -19.17 6.64
N LYS A 111 8.32 -18.20 6.78
CA LYS A 111 7.07 -18.17 6.04
C LYS A 111 7.12 -17.30 4.79
N GLN A 112 8.27 -16.72 4.47
CA GLN A 112 8.37 -15.79 3.34
C GLN A 112 8.62 -16.57 2.06
N GLN A 113 7.86 -16.22 1.01
CA GLN A 113 8.13 -16.76 -0.31
C GLN A 113 9.48 -16.27 -0.85
N ARG A 114 9.76 -14.98 -0.69
CA ARG A 114 11.06 -14.42 -1.07
C ARG A 114 11.61 -13.71 0.17
N ARG A 115 12.47 -14.41 0.93
CA ARG A 115 12.97 -13.82 2.18
C ARG A 115 13.74 -12.54 1.92
N GLU A 116 14.42 -12.44 0.78
CA GLU A 116 15.23 -11.27 0.50
C GLU A 116 14.41 -9.98 0.40
N LEU A 117 13.11 -10.09 0.15
CA LEU A 117 12.29 -8.87 0.15
C LEU A 117 12.17 -8.25 1.53
N LEU A 118 12.46 -9.01 2.60
CA LEU A 118 12.41 -8.43 3.94
C LEU A 118 13.37 -7.25 4.12
N PHE A 119 14.45 -7.20 3.34
CA PHE A 119 15.33 -6.04 3.39
C PHE A 119 14.66 -4.76 2.92
N ASN A 120 13.54 -4.87 2.18
CA ASN A 120 12.82 -3.68 1.75
C ASN A 120 12.40 -2.83 2.93
N GLU A 121 11.97 -3.47 4.02
CA GLU A 121 11.61 -2.74 5.24
C GLU A 121 12.80 -1.92 5.75
N VAL A 122 14.01 -2.48 5.65
CA VAL A 122 15.20 -1.77 6.12
C VAL A 122 15.57 -0.63 5.17
N VAL A 123 15.62 -0.91 3.86
CA VAL A 123 15.98 0.12 2.89
C VAL A 123 15.02 1.31 2.98
N ILE A 124 13.71 1.05 3.13
CA ILE A 124 12.76 2.16 3.12
C ILE A 124 12.86 2.96 4.41
N MET A 125 13.02 2.27 5.54
CA MET A 125 13.19 2.93 6.83
C MET A 125 14.41 3.83 6.84
N ARG A 126 15.51 3.38 6.22
CA ARG A 126 16.76 4.12 6.31
C ARG A 126 16.81 5.35 5.41
N ASP A 127 16.05 5.37 4.31
CA ASP A 127 16.34 6.34 3.26
C ASP A 127 15.14 7.12 2.75
N TYR A 128 13.91 6.71 3.02
CA TYR A 128 12.74 7.35 2.42
C TYR A 128 11.71 7.65 3.51
N GLN A 129 11.55 8.94 3.83
CA GLN A 129 10.58 9.40 4.82
C GLN A 129 9.78 10.55 4.21
N HIS A 130 8.50 10.61 4.53
CA HIS A 130 7.60 11.56 3.86
C HIS A 130 6.33 11.70 4.68
N GLU A 131 5.68 12.85 4.52
CA GLU A 131 4.45 13.15 5.26
C GLU A 131 3.39 12.06 5.07
N ASN A 132 3.31 11.48 3.88
CA ASN A 132 2.25 10.55 3.53
C ASN A 132 2.76 9.11 3.46
N VAL A 133 3.84 8.82 4.17
CA VAL A 133 4.40 7.49 4.27
C VAL A 133 4.49 7.16 5.75
N VAL A 134 4.07 5.96 6.13
CA VAL A 134 4.10 5.59 7.54
C VAL A 134 5.55 5.62 8.01
N GLU A 135 5.76 6.18 9.20
CA GLU A 135 7.11 6.29 9.70
C GLU A 135 7.51 5.01 10.41
N MET A 136 8.73 4.57 10.15
CA MET A 136 9.27 3.35 10.74
CA MET A 136 9.27 3.35 10.74
C MET A 136 10.40 3.73 11.69
N TYR A 137 10.33 3.25 12.94
CA TYR A 137 11.25 3.70 13.98
C TYR A 137 12.47 2.79 14.13
N ASN A 138 12.27 1.48 14.30
CA ASN A 138 13.38 0.58 14.54
C ASN A 138 13.02 -0.80 14.01
N SER A 139 14.05 -1.62 13.77
CA SER A 139 13.85 -2.99 13.34
C SER A 139 14.69 -3.90 14.24
N TYR A 140 14.20 -5.12 14.46
CA TYR A 140 14.83 -6.06 15.36
C TYR A 140 14.67 -7.47 14.82
N LEU A 141 15.64 -8.33 15.14
CA LEU A 141 15.51 -9.77 14.94
C LEU A 141 15.13 -10.38 16.27
N VAL A 142 13.93 -10.95 16.35
CA VAL A 142 13.44 -11.56 17.57
C VAL A 142 13.18 -13.03 17.25
N GLY A 143 14.04 -13.91 17.73
CA GLY A 143 13.93 -15.32 17.38
C GLY A 143 14.00 -15.50 15.88
N ASP A 144 12.97 -16.12 15.33
CA ASP A 144 12.89 -16.39 13.90
C ASP A 144 12.13 -15.30 13.15
N GLU A 145 11.87 -14.16 13.78
CA GLU A 145 10.99 -13.14 13.23
C GLU A 145 11.70 -11.80 13.11
N LEU A 146 11.41 -11.10 12.02
CA LEU A 146 11.76 -9.69 11.89
C LEU A 146 10.61 -8.86 12.45
N TRP A 147 10.92 -7.97 13.39
CA TRP A 147 9.95 -7.05 13.97
C TRP A 147 10.31 -5.63 13.58
N VAL A 148 9.33 -4.89 13.07
CA VAL A 148 9.51 -3.48 12.74
C VAL A 148 8.56 -2.68 13.63
N VAL A 149 9.13 -1.81 14.45
CA VAL A 149 8.34 -0.90 15.29
C VAL A 149 8.12 0.37 14.49
N MET A 150 6.86 0.72 14.30
CA MET A 150 6.52 1.80 13.39
C MET A 150 5.36 2.59 13.97
N GLU A 151 5.09 3.71 13.29
CA GLU A 151 3.96 4.56 13.58
C GLU A 151 2.67 3.75 13.60
N PHE A 152 1.83 3.98 14.60
CA PHE A 152 0.51 3.36 14.66
C PHE A 152 -0.52 4.27 13.99
N LEU A 153 -1.16 3.77 12.94
CA LEU A 153 -2.17 4.52 12.18
C LEU A 153 -3.53 4.09 12.74
N GLU A 154 -3.98 4.81 13.76
CA GLU A 154 -5.09 4.34 14.59
C GLU A 154 -6.43 4.35 13.86
N GLY A 155 -6.53 5.06 12.73
CA GLY A 155 -7.72 5.07 11.89
C GLY A 155 -7.93 3.83 11.07
N GLY A 156 -6.99 2.89 11.08
CA GLY A 156 -7.15 1.65 10.34
C GLY A 156 -6.87 1.84 8.87
N ALA A 157 -7.29 0.85 8.09
CA ALA A 157 -6.99 0.85 6.67
C ALA A 157 -8.19 1.34 5.87
N LEU A 158 -7.89 1.83 4.67
CA LEU A 158 -8.93 2.31 3.77
C LEU A 158 -9.87 1.18 3.36
N THR A 159 -9.38 -0.06 3.37
CA THR A 159 -10.24 -1.19 3.00
C THR A 159 -11.52 -1.22 3.85
N ASP A 160 -11.39 -0.95 5.15
CA ASP A 160 -12.57 -1.02 6.00
C ASP A 160 -13.59 0.04 5.61
N ILE A 161 -13.15 1.15 5.05
CA ILE A 161 -14.07 2.21 4.63
C ILE A 161 -14.77 1.83 3.33
N VAL A 162 -13.98 1.41 2.34
CA VAL A 162 -14.50 1.10 1.00
CA VAL A 162 -14.56 1.15 1.02
C VAL A 162 -15.48 -0.06 1.05
N THR A 163 -15.27 -0.99 1.97
CA THR A 163 -16.16 -2.14 2.00
C THR A 163 -17.42 -1.88 2.83
N HIS A 164 -17.50 -0.75 3.55
CA HIS A 164 -18.64 -0.52 4.42
C HIS A 164 -19.40 0.79 4.19
N THR A 165 -18.85 1.75 3.44
CA THR A 165 -19.53 3.02 3.25
CA THR A 165 -19.56 3.01 3.24
C THR A 165 -19.23 3.55 1.85
N ARG A 166 -19.89 4.65 1.50
CA ARG A 166 -19.67 5.30 0.22
C ARG A 166 -18.88 6.57 0.43
N MET A 167 -17.80 6.73 -0.32
CA MET A 167 -17.04 7.95 -0.31
C MET A 167 -17.58 8.93 -1.34
N ASN A 168 -17.58 10.21 -1.00
CA ASN A 168 -17.88 11.23 -2.00
C ASN A 168 -16.57 11.68 -2.66
N GLU A 169 -16.70 12.51 -3.69
CA GLU A 169 -15.52 12.76 -4.52
C GLU A 169 -14.51 13.66 -3.83
N GLU A 170 -14.99 14.53 -2.93
CA GLU A 170 -14.07 15.29 -2.07
C GLU A 170 -13.19 14.37 -1.24
N GLN A 171 -13.76 13.28 -0.73
CA GLN A 171 -12.97 12.33 0.04
C GLN A 171 -12.07 11.48 -0.86
N ILE A 172 -12.58 11.07 -2.02
CA ILE A 172 -11.77 10.31 -2.96
C ILE A 172 -10.59 11.15 -3.44
N ALA A 173 -10.87 12.41 -3.82
CA ALA A 173 -9.78 13.29 -4.26
C ALA A 173 -8.75 13.47 -3.14
N ALA A 174 -9.20 13.55 -1.88
CA ALA A 174 -8.25 13.72 -0.78
C ALA A 174 -7.34 12.51 -0.63
N VAL A 175 -7.90 11.30 -0.75
CA VAL A 175 -7.06 10.09 -0.70
C VAL A 175 -6.08 10.08 -1.87
N CYS A 176 -6.58 10.35 -3.08
CA CYS A 176 -5.72 10.27 -4.26
C CYS A 176 -4.60 11.30 -4.21
N LEU A 177 -4.90 12.51 -3.75
CA LEU A 177 -3.85 13.54 -3.65
C LEU A 177 -2.75 13.10 -2.69
N ALA A 178 -3.14 12.55 -1.53
CA ALA A 178 -2.17 12.11 -0.55
C ALA A 178 -1.34 10.95 -1.09
N VAL A 179 -1.98 9.97 -1.72
CA VAL A 179 -1.22 8.85 -2.28
C VAL A 179 -0.28 9.34 -3.38
N LEU A 180 -0.78 10.21 -4.27
CA LEU A 180 0.04 10.71 -5.37
C LEU A 180 1.21 11.56 -4.89
N GLN A 181 1.06 12.28 -3.77
CA GLN A 181 2.20 13.02 -3.27
C GLN A 181 3.31 12.07 -2.81
N ALA A 182 2.92 10.98 -2.13
CA ALA A 182 3.88 9.96 -1.72
C ALA A 182 4.53 9.30 -2.94
N LEU A 183 3.71 8.89 -3.91
CA LEU A 183 4.27 8.22 -5.09
C LEU A 183 5.14 9.15 -5.91
N SER A 184 4.82 10.45 -5.98
CA SER A 184 5.67 11.33 -6.77
C SER A 184 7.09 11.39 -6.21
N VAL A 185 7.22 11.32 -4.88
CA VAL A 185 8.54 11.40 -4.26
C VAL A 185 9.27 10.07 -4.37
N LEU A 186 8.56 8.97 -4.15
CA LEU A 186 9.15 7.64 -4.28
C LEU A 186 9.60 7.39 -5.72
N HIS A 187 8.71 7.63 -6.69
CA HIS A 187 9.04 7.38 -8.09
C HIS A 187 10.22 8.24 -8.56
N ALA A 188 10.28 9.50 -8.10
CA ALA A 188 11.41 10.34 -8.45
C ALA A 188 12.73 9.76 -7.96
N GLN A 189 12.72 8.95 -6.90
CA GLN A 189 13.93 8.31 -6.44
C GLN A 189 14.06 6.87 -6.92
N GLY A 190 13.21 6.44 -7.84
CA GLY A 190 13.30 5.10 -8.41
C GLY A 190 12.60 4.01 -7.63
N VAL A 191 11.83 4.33 -6.60
CA VAL A 191 11.19 3.30 -5.79
C VAL A 191 9.78 3.05 -6.30
N ILE A 192 9.48 1.78 -6.61
CA ILE A 192 8.17 1.33 -7.01
C ILE A 192 7.56 0.58 -5.84
N HIS A 193 6.33 0.94 -5.46
CA HIS A 193 5.71 0.30 -4.30
C HIS A 193 5.28 -1.14 -4.62
N ARG A 194 4.58 -1.33 -5.74
CA ARG A 194 4.15 -2.60 -6.31
C ARG A 194 3.01 -3.28 -5.55
N ASP A 195 2.44 -2.67 -4.52
CA ASP A 195 1.28 -3.26 -3.87
C ASP A 195 0.29 -2.17 -3.43
N ILE A 196 0.02 -1.23 -4.35
CA ILE A 196 -0.99 -0.19 -4.11
C ILE A 196 -2.36 -0.83 -4.15
N LYS A 197 -3.13 -0.65 -3.08
CA LYS A 197 -4.50 -1.12 -2.91
C LYS A 197 -4.99 -0.53 -1.59
N SER A 198 -6.32 -0.55 -1.39
CA SER A 198 -6.87 0.07 -0.19
C SER A 198 -6.25 -0.50 1.09
N ASP A 199 -5.90 -1.79 1.09
CA ASP A 199 -5.30 -2.40 2.29
C ASP A 199 -3.98 -1.76 2.66
N SER A 200 -3.29 -1.16 1.70
CA SER A 200 -1.98 -0.54 1.92
C SER A 200 -2.08 0.91 2.34
N ILE A 201 -3.28 1.48 2.40
CA ILE A 201 -3.47 2.89 2.73
C ILE A 201 -4.04 2.97 4.14
N LEU A 202 -3.31 3.62 5.04
CA LEU A 202 -3.71 3.71 6.44
C LEU A 202 -4.06 5.14 6.81
N LEU A 203 -4.82 5.29 7.90
CA LEU A 203 -5.37 6.59 8.27
CA LEU A 203 -5.40 6.57 8.29
C LEU A 203 -5.06 6.90 9.73
N THR A 204 -4.87 8.18 10.01
CA THR A 204 -4.79 8.65 11.39
C THR A 204 -6.21 8.97 11.89
N HIS A 205 -6.31 9.20 13.20
CA HIS A 205 -7.62 9.51 13.76
C HIS A 205 -8.20 10.79 13.17
N ASP A 206 -7.33 11.72 12.76
CA ASP A 206 -7.78 13.00 12.23
C ASP A 206 -7.79 13.02 10.69
N GLY A 207 -7.75 11.85 10.05
CA GLY A 207 -8.01 11.77 8.62
C GLY A 207 -6.80 11.91 7.73
N ARG A 208 -5.59 11.97 8.27
CA ARG A 208 -4.40 11.99 7.44
CA ARG A 208 -4.40 12.00 7.44
C ARG A 208 -4.18 10.62 6.81
N VAL A 209 -3.77 10.62 5.54
CA VAL A 209 -3.66 9.41 4.73
C VAL A 209 -2.19 9.07 4.51
N LYS A 210 -1.82 7.82 4.74
CA LYS A 210 -0.42 7.45 4.60
C LYS A 210 -0.28 6.08 3.95
N LEU A 211 0.74 5.97 3.10
CA LEU A 211 1.06 4.73 2.41
C LEU A 211 1.88 3.84 3.31
N SER A 212 1.59 2.54 3.30
CA SER A 212 2.28 1.57 4.14
CA SER A 212 2.29 1.57 4.14
C SER A 212 2.59 0.32 3.32
N ASP A 213 3.11 -0.70 3.99
CA ASP A 213 3.37 -2.03 3.44
C ASP A 213 4.32 -1.96 2.24
N PHE A 214 5.55 -1.57 2.55
CA PHE A 214 6.63 -1.49 1.57
C PHE A 214 7.39 -2.80 1.42
N GLY A 215 6.88 -3.89 1.94
CA GLY A 215 7.61 -5.14 1.89
C GLY A 215 7.89 -5.66 0.49
N PHE A 216 7.19 -5.15 -0.52
CA PHE A 216 7.30 -5.68 -1.88
C PHE A 216 7.92 -4.69 -2.86
N CYS A 217 8.46 -3.56 -2.37
CA CYS A 217 8.94 -2.56 -3.29
CA CYS A 217 9.01 -2.52 -3.22
C CYS A 217 10.21 -3.03 -4.02
N ALA A 218 10.57 -2.25 -5.04
CA ALA A 218 11.78 -2.50 -5.80
C ALA A 218 12.30 -1.16 -6.30
N GLN A 219 13.58 -1.14 -6.65
CA GLN A 219 14.23 0.09 -7.08
C GLN A 219 14.65 -0.03 -8.54
N VAL A 220 14.42 1.05 -9.30
CA VAL A 220 14.92 1.16 -10.65
C VAL A 220 15.92 2.32 -10.70
N SER A 221 16.75 2.32 -11.73
CA SER A 221 17.83 3.29 -11.87
C SER A 221 18.35 3.19 -13.29
N LYS A 222 19.37 4.02 -13.60
CA LYS A 222 19.95 4.00 -14.95
C LYS A 222 20.50 2.61 -15.28
N GLU A 223 21.08 1.93 -14.28
CA GLU A 223 21.66 0.60 -14.52
C GLU A 223 20.62 -0.51 -14.46
N VAL A 224 19.50 -0.29 -13.77
CA VAL A 224 18.40 -1.25 -13.71
C VAL A 224 17.12 -0.52 -14.08
N PRO A 225 16.88 -0.25 -15.37
CA PRO A 225 15.77 0.65 -15.72
C PRO A 225 14.38 0.09 -15.48
N ARG A 226 14.22 -1.24 -15.44
CA ARG A 226 12.91 -1.87 -15.33
C ARG A 226 13.00 -3.08 -14.41
N ARG A 227 11.88 -3.44 -13.79
CA ARG A 227 11.77 -4.66 -13.00
C ARG A 227 11.05 -5.73 -13.83
N LYS A 228 11.25 -6.99 -13.44
CA LYS A 228 10.62 -8.10 -14.18
C LYS A 228 9.85 -9.06 -13.28
N SEP A 229 9.88 -8.84 -11.97
CA SEP A 229 9.31 -9.81 -11.04
CB SEP A 229 9.85 -9.55 -9.63
OG SEP A 229 11.25 -9.73 -9.60
C SEP A 229 7.78 -9.78 -11.01
O SEP A 229 7.17 -8.72 -11.08
P SEP A 229 11.97 -8.41 -9.03
O1P SEP A 229 11.49 -7.14 -9.87
O2P SEP A 229 13.56 -8.64 -9.19
O3P SEP A 229 11.61 -8.18 -7.48
N LEU A 230 7.18 -10.96 -10.90
CA LEU A 230 5.73 -11.05 -10.67
C LEU A 230 5.41 -10.78 -9.18
N VAL A 231 4.98 -9.56 -8.89
CA VAL A 231 4.75 -9.10 -7.53
C VAL A 231 3.50 -8.21 -7.54
N GLY A 232 2.60 -8.45 -6.61
CA GLY A 232 1.44 -7.60 -6.46
C GLY A 232 0.25 -8.42 -6.01
N THR A 233 -0.92 -7.78 -6.03
CA THR A 233 -2.15 -8.46 -5.68
C THR A 233 -3.00 -8.59 -6.94
N PRO A 234 -3.37 -9.81 -7.32
CA PRO A 234 -3.91 -10.06 -8.67
C PRO A 234 -4.87 -9.01 -9.22
N TYR A 235 -5.93 -8.67 -8.49
CA TYR A 235 -6.95 -7.76 -9.02
C TYR A 235 -6.40 -6.35 -9.26
N TRP A 236 -5.29 -5.98 -8.61
CA TRP A 236 -4.72 -4.65 -8.73
C TRP A 236 -3.52 -4.57 -9.67
N MET A 237 -3.11 -5.68 -10.28
CA MET A 237 -1.85 -5.68 -11.03
C MET A 237 -1.99 -5.00 -12.38
N ALA A 238 -0.95 -4.25 -12.76
CA ALA A 238 -0.93 -3.61 -14.08
C ALA A 238 -0.88 -4.68 -15.18
N PRO A 239 -1.46 -4.40 -16.36
CA PRO A 239 -1.43 -5.43 -17.41
C PRO A 239 -0.02 -5.75 -17.91
N GLU A 240 0.86 -4.76 -18.04
CA GLU A 240 2.21 -5.06 -18.50
C GLU A 240 2.96 -5.92 -17.49
N LEU A 241 2.58 -5.84 -16.21
CA LEU A 241 3.22 -6.67 -15.20
C LEU A 241 2.71 -8.11 -15.29
N ILE A 242 1.39 -8.28 -15.46
CA ILE A 242 0.84 -9.61 -15.70
C ILE A 242 1.36 -10.20 -17.00
N SER A 243 1.59 -9.35 -18.01
CA SER A 243 2.15 -9.85 -19.26
C SER A 243 3.61 -10.23 -19.14
N ARG A 244 4.22 -10.03 -17.97
CA ARG A 244 5.63 -10.36 -17.74
C ARG A 244 6.56 -9.51 -18.61
N LEU A 245 6.13 -8.32 -18.95
CA LEU A 245 7.02 -7.37 -19.62
C LEU A 245 7.80 -6.57 -18.57
N PRO A 246 9.00 -6.08 -18.90
CA PRO A 246 9.71 -5.20 -17.96
C PRO A 246 8.89 -3.95 -17.70
N TYR A 247 8.84 -3.54 -16.44
CA TYR A 247 7.94 -2.46 -16.04
C TYR A 247 8.65 -1.49 -15.10
N GLY A 248 8.03 -0.33 -14.91
CA GLY A 248 8.58 0.68 -14.05
C GLY A 248 7.55 1.24 -13.10
N PRO A 249 7.80 2.46 -12.61
CA PRO A 249 6.86 3.08 -11.64
C PRO A 249 5.44 3.18 -12.15
N GLU A 250 5.23 3.05 -13.46
CA GLU A 250 3.90 3.14 -14.04
C GLU A 250 2.92 2.11 -13.44
N VAL A 251 3.41 0.98 -12.94
CA VAL A 251 2.47 -0.02 -12.43
C VAL A 251 1.77 0.47 -11.17
N ASP A 252 2.40 1.34 -10.37
CA ASP A 252 1.69 1.87 -9.22
C ASP A 252 0.53 2.76 -9.64
N ILE A 253 0.67 3.44 -10.79
CA ILE A 253 -0.39 4.33 -11.24
C ILE A 253 -1.60 3.53 -11.68
N TRP A 254 -1.38 2.41 -12.38
CA TRP A 254 -2.49 1.53 -12.72
C TRP A 254 -3.19 1.03 -11.46
N SER A 255 -2.40 0.52 -10.51
CA SER A 255 -2.96 0.00 -9.26
C SER A 255 -3.75 1.08 -8.52
N LEU A 256 -3.29 2.32 -8.57
CA LEU A 256 -4.05 3.42 -7.98
C LEU A 256 -5.41 3.56 -8.66
N GLY A 257 -5.44 3.43 -9.99
CA GLY A 257 -6.71 3.46 -10.69
C GLY A 257 -7.65 2.38 -10.19
N ILE A 258 -7.15 1.15 -10.01
CA ILE A 258 -7.97 0.08 -9.46
C ILE A 258 -8.48 0.45 -8.09
N MET A 259 -7.64 1.10 -7.28
CA MET A 259 -8.09 1.57 -5.97
C MET A 259 -9.17 2.65 -6.11
N VAL A 260 -9.10 3.49 -7.14
CA VAL A 260 -10.18 4.43 -7.34
C VAL A 260 -11.49 3.66 -7.59
N ILE A 261 -11.42 2.56 -8.35
CA ILE A 261 -12.62 1.74 -8.57
C ILE A 261 -13.09 1.15 -7.25
N GLU A 262 -12.17 0.74 -6.38
CA GLU A 262 -12.55 0.33 -5.04
C GLU A 262 -13.36 1.41 -4.33
N MET A 263 -12.87 2.65 -4.39
CA MET A 263 -13.51 3.72 -3.64
C MET A 263 -14.89 4.06 -4.17
N VAL A 264 -15.15 3.82 -5.46
CA VAL A 264 -16.45 4.08 -6.05
C VAL A 264 -17.37 2.85 -5.96
N ASP A 265 -16.85 1.66 -6.28
CA ASP A 265 -17.66 0.46 -6.38
C ASP A 265 -17.60 -0.42 -5.14
N GLY A 266 -16.62 -0.22 -4.26
CA GLY A 266 -16.46 -1.05 -3.08
C GLY A 266 -15.55 -2.25 -3.27
N GLU A 267 -15.21 -2.62 -4.50
CA GLU A 267 -14.38 -3.77 -4.77
C GLU A 267 -13.68 -3.56 -6.10
N PRO A 268 -12.54 -4.20 -6.31
CA PRO A 268 -11.84 -4.06 -7.59
C PRO A 268 -12.58 -4.82 -8.68
N PRO A 269 -12.27 -4.57 -9.95
CA PRO A 269 -12.93 -5.33 -11.02
C PRO A 269 -12.65 -6.81 -10.90
N TYR A 270 -13.59 -7.62 -11.41
CA TYR A 270 -13.45 -9.08 -11.51
C TYR A 270 -13.26 -9.74 -10.16
N PHE A 271 -13.64 -9.05 -9.09
CA PHE A 271 -13.44 -9.58 -7.74
C PHE A 271 -14.24 -10.85 -7.50
N ASN A 272 -15.31 -11.06 -8.27
CA ASN A 272 -16.10 -12.28 -8.19
CA ASN A 272 -16.08 -12.29 -8.16
C ASN A 272 -15.39 -13.47 -8.80
N GLU A 273 -14.33 -13.24 -9.63
CA GLU A 273 -13.59 -14.25 -10.36
C GLU A 273 -12.39 -14.73 -9.56
N PRO A 274 -11.93 -15.96 -9.79
CA PRO A 274 -10.69 -16.42 -9.16
C PRO A 274 -9.54 -15.53 -9.56
N PRO A 275 -8.54 -15.36 -8.69
CA PRO A 275 -7.47 -14.39 -8.97
C PRO A 275 -6.73 -14.63 -10.28
N LEU A 276 -6.45 -15.89 -10.62
CA LEU A 276 -5.79 -16.17 -11.90
C LEU A 276 -6.69 -15.87 -13.09
N LYS A 277 -8.00 -16.09 -12.94
CA LYS A 277 -8.94 -15.71 -13.98
C LYS A 277 -8.97 -14.19 -14.17
N ALA A 278 -8.97 -13.45 -13.07
CA ALA A 278 -9.03 -12.00 -13.16
C ALA A 278 -7.77 -11.44 -13.80
N MET A 279 -6.62 -12.05 -13.55
CA MET A 279 -5.38 -11.61 -14.16
C MET A 279 -5.40 -11.77 -15.68
N LYS A 280 -5.91 -12.90 -16.15
CA LYS A 280 -6.05 -13.10 -17.58
C LYS A 280 -6.96 -12.04 -18.20
N MET A 281 -8.02 -11.65 -17.48
CA MET A 281 -8.95 -10.66 -18.03
C MET A 281 -8.33 -9.27 -18.03
N ILE A 282 -7.58 -8.93 -16.97
CA ILE A 282 -6.84 -7.69 -16.94
C ILE A 282 -5.87 -7.61 -18.10
N ARG A 283 -5.17 -8.72 -18.37
CA ARG A 283 -4.14 -8.73 -19.40
C ARG A 283 -4.75 -8.65 -20.79
N ASP A 284 -5.85 -9.36 -21.04
CA ASP A 284 -6.36 -9.53 -22.40
C ASP A 284 -7.46 -8.55 -22.79
N ASN A 285 -8.13 -7.94 -21.82
CA ASN A 285 -9.30 -7.12 -22.13
C ASN A 285 -8.98 -5.64 -22.05
N LEU A 286 -9.87 -4.84 -22.63
CA LEU A 286 -9.78 -3.40 -22.51
C LEU A 286 -9.81 -3.01 -21.03
N PRO A 287 -9.37 -1.79 -20.69
CA PRO A 287 -9.32 -1.39 -19.28
C PRO A 287 -10.64 -1.63 -18.58
N PRO A 288 -10.62 -2.04 -17.32
CA PRO A 288 -11.87 -2.35 -16.62
C PRO A 288 -12.73 -1.12 -16.42
N ARG A 289 -14.04 -1.34 -16.39
CA ARG A 289 -15.02 -0.26 -16.28
C ARG A 289 -15.58 -0.19 -14.86
N LEU A 290 -15.93 1.04 -14.46
CA LEU A 290 -16.76 1.20 -13.26
C LEU A 290 -18.09 0.50 -13.48
N LYS A 291 -18.58 -0.15 -12.43
CA LYS A 291 -19.92 -0.69 -12.53
C LYS A 291 -20.96 0.42 -12.37
N ASN A 292 -20.59 1.51 -11.69
CA ASN A 292 -21.47 2.65 -11.47
C ASN A 292 -20.93 3.90 -12.16
N LEU A 293 -20.75 3.84 -13.48
CA LEU A 293 -20.23 5.01 -14.19
C LEU A 293 -21.11 6.23 -14.00
N HIS A 294 -22.43 6.01 -13.85
CA HIS A 294 -23.34 7.12 -13.62
C HIS A 294 -23.13 7.78 -12.26
N LYS A 295 -22.26 7.24 -11.41
CA LYS A 295 -22.04 7.78 -10.07
C LYS A 295 -20.71 8.51 -9.93
N VAL A 296 -20.03 8.83 -11.03
CA VAL A 296 -18.78 9.57 -10.98
C VAL A 296 -18.91 10.80 -11.86
N SER A 297 -18.30 11.89 -11.41
CA SER A 297 -18.33 13.13 -12.16
C SER A 297 -17.46 13.00 -13.40
N PRO A 298 -17.72 13.79 -14.45
CA PRO A 298 -16.82 13.76 -15.61
C PRO A 298 -15.37 14.04 -15.23
N SER A 299 -15.15 14.82 -14.18
CA SER A 299 -13.80 15.08 -13.71
C SER A 299 -13.15 13.80 -13.16
N LEU A 300 -13.88 13.04 -12.34
CA LEU A 300 -13.34 11.79 -11.84
CA LEU A 300 -13.34 11.79 -11.84
C LEU A 300 -13.10 10.79 -12.96
N LYS A 301 -14.06 10.68 -13.89
CA LYS A 301 -13.89 9.78 -15.03
C LYS A 301 -12.67 10.16 -15.86
N GLY A 302 -12.49 11.46 -16.13
CA GLY A 302 -11.30 11.89 -16.87
C GLY A 302 -10.02 11.58 -16.13
N PHE A 303 -10.03 11.76 -14.80
CA PHE A 303 -8.89 11.35 -13.96
C PHE A 303 -8.62 9.86 -14.10
N LEU A 304 -9.64 9.03 -13.86
CA LEU A 304 -9.48 7.59 -13.97
C LEU A 304 -8.98 7.18 -15.35
N ASP A 305 -9.38 7.92 -16.39
CA ASP A 305 -8.96 7.59 -17.75
C ASP A 305 -7.46 7.78 -17.95
N ARG A 306 -6.81 8.60 -17.13
CA ARG A 306 -5.35 8.76 -17.21
C ARG A 306 -4.60 7.72 -16.41
N LEU A 307 -5.29 6.99 -15.53
CA LEU A 307 -4.69 5.94 -14.71
C LEU A 307 -4.78 4.58 -15.38
N LEU A 308 -5.97 4.21 -15.83
CA LEU A 308 -6.19 2.87 -16.40
C LEU A 308 -5.91 2.90 -17.91
N VAL A 309 -4.66 3.17 -18.24
CA VAL A 309 -4.19 3.13 -19.63
C VAL A 309 -3.33 1.89 -19.80
N ARG A 310 -3.68 1.07 -20.79
CA ARG A 310 -2.96 -0.19 -20.99
C ARG A 310 -1.50 0.05 -21.36
N ASP A 311 -1.24 0.96 -22.29
CA ASP A 311 0.12 1.28 -22.70
C ASP A 311 0.79 2.10 -21.60
N PRO A 312 1.79 1.57 -20.89
CA PRO A 312 2.38 2.33 -19.78
C PRO A 312 3.08 3.61 -20.22
N ALA A 313 3.53 3.68 -21.48
CA ALA A 313 4.10 4.93 -21.98
C ALA A 313 3.06 6.05 -22.03
N GLN A 314 1.77 5.70 -22.19
CA GLN A 314 0.70 6.68 -22.30
C GLN A 314 -0.01 6.96 -20.99
N ARG A 315 0.20 6.12 -19.98
CA ARG A 315 -0.32 6.36 -18.65
C ARG A 315 0.28 7.64 -18.07
N ALA A 316 -0.53 8.39 -17.32
CA ALA A 316 0.00 9.57 -16.66
C ALA A 316 0.97 9.18 -15.55
N THR A 317 1.93 10.07 -15.27
CA THR A 317 2.83 9.87 -14.14
C THR A 317 2.25 10.52 -12.88
N ALA A 318 2.83 10.17 -11.72
CA ALA A 318 2.38 10.77 -10.47
C ALA A 318 2.56 12.28 -10.50
N ALA A 319 3.68 12.76 -11.04
CA ALA A 319 3.94 14.20 -11.09
C ALA A 319 2.92 14.90 -11.98
N GLU A 320 2.51 14.27 -13.08
CA GLU A 320 1.50 14.85 -13.96
C GLU A 320 0.14 14.87 -13.28
N LEU A 321 -0.20 13.78 -12.59
CA LEU A 321 -1.53 13.65 -11.98
C LEU A 321 -1.73 14.65 -10.84
N LEU A 322 -0.64 15.05 -10.17
CA LEU A 322 -0.77 16.06 -9.12
C LEU A 322 -1.34 17.35 -9.66
N LYS A 323 -1.25 17.57 -10.97
CA LYS A 323 -1.79 18.76 -11.61
C LYS A 323 -3.18 18.53 -12.21
N HIS A 324 -3.77 17.35 -12.04
CA HIS A 324 -5.05 17.08 -12.67
C HIS A 324 -6.17 17.83 -11.94
N PRO A 325 -7.13 18.41 -12.69
CA PRO A 325 -8.19 19.21 -12.03
C PRO A 325 -9.06 18.44 -11.07
N PHE A 326 -9.21 17.12 -11.23
CA PHE A 326 -9.99 16.35 -10.28
C PHE A 326 -9.48 16.53 -8.86
N LEU A 327 -8.17 16.69 -8.69
CA LEU A 327 -7.61 16.83 -7.34
C LEU A 327 -7.90 18.18 -6.71
N ALA A 328 -8.37 19.16 -7.49
CA ALA A 328 -8.88 20.40 -6.91
C ALA A 328 -10.09 20.16 -6.01
N LYS A 329 -10.74 19.00 -6.12
CA LYS A 329 -11.86 18.67 -5.26
C LYS A 329 -11.42 18.18 -3.90
N ALA A 330 -10.13 17.95 -3.69
CA ALA A 330 -9.65 17.29 -2.49
C ALA A 330 -10.05 18.06 -1.24
N GLY A 331 -10.66 17.37 -0.28
CA GLY A 331 -10.98 17.99 0.97
C GLY A 331 -9.81 17.90 1.94
N PRO A 332 -9.93 18.57 3.09
CA PRO A 332 -8.90 18.44 4.13
C PRO A 332 -9.01 17.07 4.79
N PRO A 333 -7.99 16.66 5.55
CA PRO A 333 -8.09 15.38 6.27
C PRO A 333 -9.37 15.27 7.10
N ALA A 334 -9.86 16.40 7.63
CA ALA A 334 -11.07 16.37 8.45
C ALA A 334 -12.24 15.73 7.70
N SER A 335 -12.28 15.86 6.38
CA SER A 335 -13.41 15.34 5.61
C SER A 335 -13.40 13.81 5.56
N ILE A 336 -12.27 13.18 5.85
CA ILE A 336 -12.17 11.73 5.89
CA ILE A 336 -12.17 11.73 5.88
C ILE A 336 -12.59 11.17 7.24
N VAL A 337 -12.43 11.95 8.32
CA VAL A 337 -12.75 11.47 9.67
C VAL A 337 -14.10 10.75 9.78
N PRO A 338 -15.21 11.28 9.25
CA PRO A 338 -16.51 10.59 9.47
C PRO A 338 -16.60 9.22 8.81
N LEU A 339 -15.70 8.87 7.89
CA LEU A 339 -15.76 7.56 7.25
C LEU A 339 -15.30 6.42 8.16
N MET A 340 -14.53 6.71 9.20
CA MET A 340 -13.89 5.65 9.98
C MET A 340 -14.89 4.99 10.93
N ARG A 341 -14.59 3.73 11.28
CA ARG A 341 -15.54 2.89 12.01
C ARG A 341 -15.99 3.55 13.31
N GLN A 342 -15.05 4.08 14.10
CA GLN A 342 -15.40 4.71 15.38
C GLN A 342 -16.32 5.91 15.24
N ASN A 343 -16.52 6.42 14.03
CA ASN A 343 -17.35 7.62 13.87
C ASN A 343 -18.60 7.41 13.02
N ARG A 344 -18.70 6.34 12.25
CA ARG A 344 -19.84 6.22 11.38
C ARG A 344 -20.98 5.45 12.05
N THR A 345 -22.15 5.49 11.43
CA THR A 345 -23.34 4.82 11.96
C THR A 345 -23.98 3.89 10.94
N LYS B 2 -8.27 -15.33 1.30
CA LYS B 2 -6.98 -14.66 1.09
C LYS B 2 -6.93 -14.01 -0.29
N LYS B 3 -8.11 -13.67 -0.81
CA LYS B 3 -8.23 -13.03 -2.13
C LYS B 3 -7.55 -11.67 -2.19
N ARG B 4 -7.35 -11.01 -1.05
CA ARG B 4 -6.73 -9.69 -1.02
C ARG B 4 -5.22 -9.76 -0.73
N TYR B 5 -4.64 -10.96 -0.70
CA TYR B 5 -3.25 -11.11 -0.29
C TYR B 5 -2.30 -10.96 -1.47
N THR B 6 -1.16 -10.33 -1.19
CA THR B 6 -0.11 -10.16 -2.19
C THR B 6 0.47 -11.50 -2.61
N VAL B 7 0.82 -11.61 -3.89
CA VAL B 7 1.48 -12.81 -4.38
C VAL B 7 2.84 -12.44 -4.93
N VAL B 8 3.78 -13.36 -4.77
CA VAL B 8 5.15 -13.18 -5.22
C VAL B 8 5.48 -14.34 -6.13
N GLY B 9 5.84 -14.02 -7.37
CA GLY B 9 5.93 -15.03 -8.41
C GLY B 9 6.98 -16.09 -8.12
N ASN B 10 6.80 -17.24 -8.75
CA ASN B 10 7.64 -18.41 -8.52
C ASN B 10 9.04 -18.28 -9.13
#